data_4X6I
#
_entry.id   4X6I
#
_cell.length_a   36.459
_cell.length_b   54.450
_cell.length_c   87.870
_cell.angle_alpha   90.000
_cell.angle_beta   90.000
_cell.angle_gamma   90.000
#
_symmetry.space_group_name_H-M   'P 21 21 21'
#
loop_
_entity.id
_entity.type
_entity.pdbx_description
1 polymer 'Cathepsin K'
2 non-polymer 2-amino-4-bromo-N-{1-[(cyanomethyl)carbamoyl]cyclohexyl}benzamide
3 non-polymer 'SULFATE ION'
4 water water
#
_entity_poly.entity_id   1
_entity_poly.type   'polypeptide(L)'
_entity_poly.pdbx_seq_one_letter_code
;APDSVDYRKKGYVTPVKNQGQCGSCWAFSSVGALEGQLKKKTGKLLNLSPQNLVDCVSENDGCGGGYMTNAFQYVQKNRG
IDSEDAYPYVGQEESCMYNPTGKAAKCRGYREIPEGNEKALKRAVARVGPVSVAIDASLTSFQFYSKGVYYDESCNSDNL
NHAVLAVGYGIQKGNKHWIIKNSWGENWGNKGYILMARNKNNACGIANLASFPKM
;
_entity_poly.pdbx_strand_id   A
#
loop_
_chem_comp.id
_chem_comp.type
_chem_comp.name
_chem_comp.formula
3Y1 non-polymer 2-amino-4-bromo-N-{1-[(cyanomethyl)carbamoyl]cyclohexyl}benzamide 'C16 H19 Br N4 O2'
SO4 non-polymer 'SULFATE ION' 'O4 S -2'
#
# COMPACT_ATOMS: atom_id res chain seq x y z
N ALA A 1 1.19 -22.06 -0.32
CA ALA A 1 1.20 -20.84 0.51
C ALA A 1 0.22 -21.17 1.62
N PRO A 2 0.32 -20.49 2.75
CA PRO A 2 -0.65 -20.72 3.80
C PRO A 2 -2.11 -20.37 3.42
N ASP A 3 -3.10 -20.95 4.10
CA ASP A 3 -4.54 -20.65 3.85
C ASP A 3 -4.85 -19.20 4.21
N SER A 4 -4.13 -18.67 5.20
CA SER A 4 -4.32 -17.30 5.62
C SER A 4 -3.04 -16.77 6.18
N VAL A 5 -2.88 -15.46 6.09
CA VAL A 5 -1.75 -14.80 6.77
C VAL A 5 -2.13 -13.38 7.13
N ASP A 6 -1.58 -12.86 8.19
CA ASP A 6 -1.88 -11.53 8.59
C ASP A 6 -0.59 -10.93 9.12
N TYR A 7 0.06 -10.12 8.30
CA TYR A 7 1.33 -9.52 8.70
C TYR A 7 1.23 -8.47 9.81
N ARG A 8 0.02 -7.98 10.10
CA ARG A 8 -0.14 -7.18 11.28
C ARG A 8 0.31 -7.95 12.53
N LYS A 9 0.03 -9.25 12.58
CA LYS A 9 0.41 -10.12 13.72
C LYS A 9 1.89 -10.34 13.88
N LYS A 10 2.66 -10.13 12.79
CA LYS A 10 4.10 -10.32 12.78
C LYS A 10 4.83 -8.99 12.93
N GLY A 11 4.11 -7.88 13.08
CA GLY A 11 4.76 -6.65 13.39
C GLY A 11 5.29 -5.88 12.19
N TYR A 12 4.79 -6.23 10.98
CA TYR A 12 5.24 -5.66 9.77
C TYR A 12 4.52 -4.37 9.38
N VAL A 13 3.49 -3.97 10.14
CA VAL A 13 2.57 -2.91 9.72
C VAL A 13 2.51 -1.78 10.75
N THR A 14 2.78 -0.57 10.24
CA THR A 14 2.76 0.58 11.07
C THR A 14 1.35 1.09 11.29
N PRO A 15 1.24 2.14 12.12
CA PRO A 15 -0.07 2.67 12.37
C PRO A 15 -0.79 3.10 11.10
N VAL A 16 -2.13 3.08 11.13
CA VAL A 16 -2.92 3.62 10.00
C VAL A 16 -2.79 5.15 9.95
N LYS A 17 -2.41 5.65 8.79
CA LYS A 17 -2.23 7.07 8.54
C LYS A 17 -3.42 7.70 7.84
N ASN A 18 -3.36 9.03 7.67
CA ASN A 18 -4.45 9.76 7.07
C ASN A 18 -3.96 10.75 6.03
N GLN A 19 -4.23 10.44 4.77
CA GLN A 19 -3.66 11.24 3.66
C GLN A 19 -4.24 12.63 3.57
N GLY A 20 -5.43 12.83 4.13
CA GLY A 20 -6.16 14.11 3.93
C GLY A 20 -6.49 14.45 2.50
N GLN A 21 -6.54 15.74 2.18
CA GLN A 21 -7.00 16.18 0.90
C GLN A 21 -5.85 16.31 -0.09
N CYS A 22 -5.17 15.20 -0.31
CA CYS A 22 -4.06 15.12 -1.27
C CYS A 22 -4.08 13.71 -1.83
N GLY A 23 -3.95 13.57 -3.17
CA GLY A 23 -3.93 12.26 -3.81
C GLY A 23 -2.58 11.55 -3.68
N SER A 24 -2.18 11.32 -2.44
CA SER A 24 -0.89 10.75 -2.07
C SER A 24 -1.07 9.28 -1.64
N CYS A 25 -2.21 8.69 -1.94
CA CYS A 25 -2.42 7.26 -1.48
C CYS A 25 -1.30 6.38 -2.07
N TRP A 26 -0.86 6.73 -3.25
CA TRP A 26 0.19 5.93 -3.89
C TRP A 26 1.47 5.93 -3.02
N ALA A 27 1.71 7.06 -2.36
CA ALA A 27 2.92 7.25 -1.56
C ALA A 27 2.72 6.51 -0.26
N PHE A 28 1.52 6.57 0.32
CA PHE A 28 1.27 5.77 1.54
C PHE A 28 1.39 4.29 1.24
N SER A 29 0.78 3.88 0.13
CA SER A 29 0.89 2.47 -0.29
C SER A 29 2.34 1.99 -0.50
N SER A 30 3.12 2.77 -1.25
CA SER A 30 4.53 2.46 -1.45
C SER A 30 5.33 2.40 -0.15
N VAL A 31 5.10 3.39 0.72
CA VAL A 31 5.71 3.44 2.05
C VAL A 31 5.35 2.18 2.89
N GLY A 32 4.04 1.80 2.94
CA GLY A 32 3.62 0.57 3.65
C GLY A 32 4.31 -0.69 3.16
N ALA A 33 4.53 -0.79 1.85
CA ALA A 33 5.19 -1.99 1.32
C ALA A 33 6.72 -1.93 1.71
N LEU A 34 7.29 -0.76 1.68
CA LEU A 34 8.67 -0.60 2.16
C LEU A 34 8.81 -0.89 3.62
N GLU A 35 7.83 -0.39 4.43
CA GLU A 35 7.83 -0.65 5.88
C GLU A 35 7.87 -2.15 6.18
N GLY A 36 7.02 -2.86 5.47
CA GLY A 36 6.98 -4.34 5.59
C GLY A 36 8.33 -5.04 5.33
N GLN A 37 8.99 -4.63 4.25
CA GLN A 37 10.27 -5.25 3.86
C GLN A 37 11.35 -4.78 4.83
N LEU A 38 11.25 -3.58 5.37
CA LEU A 38 12.24 -3.14 6.37
C LEU A 38 12.20 -4.03 7.61
N LYS A 39 11.02 -4.22 8.16
CA LYS A 39 10.80 -5.12 9.29
C LYS A 39 11.39 -6.52 9.01
N LYS A 40 10.98 -7.11 7.89
CA LYS A 40 11.47 -8.44 7.48
C LYS A 40 12.99 -8.50 7.45
N LYS A 41 13.63 -7.49 6.87
CA LYS A 41 15.09 -7.46 6.74
C LYS A 41 15.87 -7.18 8.03
N THR A 42 15.38 -6.25 8.85
CA THR A 42 16.11 -5.69 10.02
C THR A 42 15.51 -6.05 11.39
N GLY A 43 14.30 -6.59 11.41
CA GLY A 43 13.54 -6.80 12.65
C GLY A 43 12.92 -5.59 13.34
N LYS A 44 13.10 -4.42 12.77
CA LYS A 44 12.71 -3.17 13.41
C LYS A 44 11.79 -2.34 12.49
N LEU A 45 10.63 -1.98 12.99
CA LEU A 45 9.63 -1.26 12.20
C LEU A 45 9.75 0.23 12.51
N LEU A 46 9.66 1.04 11.45
CA LEU A 46 9.73 2.48 11.55
C LEU A 46 8.73 3.09 10.54
N ASN A 47 8.08 4.23 10.86
CA ASN A 47 7.27 4.87 9.84
C ASN A 47 8.18 5.49 8.79
N LEU A 48 7.87 5.28 7.51
CA LEU A 48 8.69 5.89 6.43
C LEU A 48 7.92 7.08 5.81
N SER A 49 8.58 7.88 4.97
CA SER A 49 8.05 9.19 4.55
C SER A 49 7.28 9.17 3.23
N PRO A 50 5.94 9.20 3.24
CA PRO A 50 5.23 9.48 1.99
C PRO A 50 5.53 10.87 1.41
N GLN A 51 5.85 11.85 2.24
CA GLN A 51 6.05 13.18 1.71
C GLN A 51 7.29 13.16 0.86
N ASN A 52 8.28 12.38 1.25
CA ASN A 52 9.52 12.26 0.47
C ASN A 52 9.17 11.79 -0.96
N LEU A 53 8.24 10.84 -1.03
CA LEU A 53 7.79 10.31 -2.33
C LEU A 53 6.98 11.36 -3.15
N VAL A 54 6.08 12.05 -2.47
CA VAL A 54 5.23 13.04 -3.11
C VAL A 54 6.06 14.14 -3.75
N ASP A 55 7.08 14.56 -3.03
CA ASP A 55 7.89 15.66 -3.48
C ASP A 55 9.02 15.27 -4.47
N CYS A 56 9.55 14.08 -4.37
CA CYS A 56 10.81 13.73 -5.05
C CYS A 56 10.66 12.73 -6.16
N VAL A 57 9.53 12.02 -6.23
CA VAL A 57 9.27 11.14 -7.39
C VAL A 57 8.78 12.03 -8.55
N SER A 58 9.75 12.48 -9.36
CA SER A 58 9.46 13.31 -10.50
C SER A 58 8.64 12.59 -11.59
N GLU A 59 8.60 11.27 -11.56
CA GLU A 59 7.76 10.53 -12.48
C GLU A 59 6.25 10.47 -12.15
N ASN A 60 5.91 10.88 -10.94
CA ASN A 60 4.54 10.91 -10.48
C ASN A 60 4.02 12.34 -10.36
N ASP A 61 2.73 12.50 -10.03
CA ASP A 61 2.08 13.81 -9.97
C ASP A 61 1.79 14.35 -8.57
N GLY A 62 2.58 13.98 -7.55
CA GLY A 62 2.39 14.49 -6.24
C GLY A 62 1.00 14.24 -5.67
N CYS A 63 0.25 15.30 -5.38
CA CYS A 63 -1.09 15.14 -4.79
C CYS A 63 -2.08 14.87 -5.88
N GLY A 64 -1.59 14.91 -7.14
CA GLY A 64 -2.47 14.65 -8.29
C GLY A 64 -2.34 13.19 -8.74
N GLY A 65 -1.69 12.34 -7.95
CA GLY A 65 -1.70 10.92 -8.25
C GLY A 65 -0.35 10.34 -8.68
N GLY A 66 -0.24 9.02 -8.75
CA GLY A 66 1.05 8.38 -9.11
C GLY A 66 1.00 6.86 -9.18
N TYR A 67 2.06 6.28 -9.75
CA TYR A 67 2.30 4.84 -9.69
C TYR A 67 3.27 4.44 -8.54
N MET A 68 2.92 3.33 -7.85
CA MET A 68 3.80 2.77 -6.83
C MET A 68 5.11 2.28 -7.38
N THR A 69 5.10 1.73 -8.62
CA THR A 69 6.32 1.20 -9.22
C THR A 69 7.31 2.33 -9.46
N ASN A 70 6.76 3.50 -9.82
CA ASN A 70 7.60 4.68 -10.01
C ASN A 70 8.23 5.06 -8.71
N ALA A 71 7.46 4.97 -7.62
CA ALA A 71 8.05 5.31 -6.33
C ALA A 71 9.20 4.33 -5.93
N PHE A 72 9.01 3.04 -6.13
CA PHE A 72 10.08 2.09 -5.80
C PHE A 72 11.38 2.33 -6.64
N GLN A 73 11.18 2.68 -7.90
CA GLN A 73 12.27 2.96 -8.81
C GLN A 73 13.06 4.15 -8.19
N TYR A 74 12.32 5.17 -7.73
CA TYR A 74 12.92 6.37 -7.16
C TYR A 74 13.76 6.02 -5.94
N VAL A 75 13.19 5.28 -5.02
CA VAL A 75 13.88 4.90 -3.77
C VAL A 75 15.20 4.17 -4.10
N GLN A 76 15.15 3.27 -5.08
CA GLN A 76 16.33 2.55 -5.49
C GLN A 76 17.41 3.48 -6.07
N LYS A 77 17.01 4.27 -7.03
CA LYS A 77 17.92 5.23 -7.73
C LYS A 77 18.44 6.23 -6.75
N ASN A 78 17.61 6.61 -5.78
CA ASN A 78 17.97 7.60 -4.72
C ASN A 78 18.89 7.11 -3.59
N ARG A 79 19.13 5.78 -3.50
CA ARG A 79 19.91 5.18 -2.45
C ARG A 79 19.24 5.35 -1.06
N GLY A 80 17.93 5.60 -1.07
CA GLY A 80 17.17 5.61 0.17
C GLY A 80 15.90 6.37 0.18
N ILE A 81 15.17 6.15 1.29
CA ILE A 81 14.00 6.93 1.64
C ILE A 81 14.16 7.35 3.09
N ASP A 82 13.67 8.54 3.40
CA ASP A 82 13.70 9.12 4.74
C ASP A 82 12.56 8.53 5.57
N SER A 83 12.70 8.65 6.88
CA SER A 83 11.71 8.26 7.86
C SER A 83 10.64 9.35 7.88
N GLU A 84 9.43 9.06 8.38
CA GLU A 84 8.42 10.11 8.61
C GLU A 84 8.91 11.28 9.47
N ASP A 85 9.63 10.96 10.55
CA ASP A 85 10.05 11.99 11.49
C ASP A 85 11.06 12.91 10.84
N ALA A 86 11.90 12.35 9.96
CA ALA A 86 12.89 13.14 9.30
C ALA A 86 12.29 13.97 8.14
N TYR A 87 11.18 13.51 7.53
CA TYR A 87 10.57 14.20 6.35
C TYR A 87 9.04 14.09 6.52
N PRO A 88 8.52 14.83 7.49
CA PRO A 88 7.17 14.72 7.90
C PRO A 88 6.16 15.11 6.77
N TYR A 89 4.98 14.48 6.86
CA TYR A 89 3.88 14.68 5.89
C TYR A 89 3.24 16.05 6.07
N VAL A 90 3.12 16.81 5.00
CA VAL A 90 2.51 18.14 5.08
C VAL A 90 1.28 18.32 4.23
N GLY A 91 0.97 17.32 3.39
CA GLY A 91 -0.30 17.22 2.74
C GLY A 91 -0.43 18.08 1.50
N GLN A 92 0.71 18.51 0.93
CA GLN A 92 0.79 19.29 -0.33
C GLN A 92 2.12 19.00 -1.04
N GLU A 93 2.18 19.22 -2.35
CA GLU A 93 3.42 18.94 -3.08
C GLU A 93 4.45 20.11 -2.90
N GLU A 94 5.73 19.77 -2.77
CA GLU A 94 6.80 20.75 -2.54
C GLU A 94 7.96 20.38 -3.41
N SER A 95 8.94 21.28 -3.41
CA SER A 95 10.25 20.97 -3.98
C SER A 95 10.78 19.77 -3.22
N CYS A 96 11.64 19.01 -3.87
CA CYS A 96 12.28 17.85 -3.23
C CYS A 96 13.21 18.31 -2.13
N MET A 97 12.94 17.89 -0.90
CA MET A 97 13.80 18.22 0.24
CA MET A 97 13.77 18.22 0.24
C MET A 97 14.31 16.98 0.96
N TYR A 98 14.59 15.95 0.19
CA TYR A 98 15.24 14.75 0.71
C TYR A 98 16.58 15.04 1.40
N ASN A 99 16.75 14.45 2.57
CA ASN A 99 18.02 14.54 3.30
C ASN A 99 18.58 13.18 3.62
N PRO A 100 19.72 12.83 3.00
CA PRO A 100 20.31 11.51 3.16
C PRO A 100 20.59 11.16 4.63
N THR A 101 20.75 12.20 5.44
CA THR A 101 21.01 12.02 6.87
C THR A 101 19.84 11.30 7.57
N GLY A 102 18.58 11.51 7.10
CA GLY A 102 17.38 10.86 7.67
C GLY A 102 16.95 9.54 7.04
N LYS A 103 17.82 9.00 6.17
CA LYS A 103 17.56 7.73 5.54
C LYS A 103 17.21 6.68 6.60
N ALA A 104 16.15 5.92 6.35
CA ALA A 104 15.72 4.79 7.21
C ALA A 104 15.43 3.50 6.47
N ALA A 105 15.37 3.54 5.14
CA ALA A 105 15.29 2.34 4.30
C ALA A 105 15.91 2.56 2.96
N LYS A 106 16.15 1.42 2.31
CA LYS A 106 16.62 1.32 0.93
C LYS A 106 15.72 0.42 0.08
N CYS A 107 15.97 0.46 -1.21
CA CYS A 107 15.21 -0.42 -2.11
C CYS A 107 16.13 -0.96 -3.18
N ARG A 108 16.03 -2.27 -3.43
CA ARG A 108 16.84 -2.97 -4.38
C ARG A 108 16.11 -3.34 -5.67
N GLY A 109 15.00 -2.66 -5.95
CA GLY A 109 14.18 -2.94 -7.12
C GLY A 109 12.74 -3.31 -6.74
N TYR A 110 12.04 -3.89 -7.69
CA TYR A 110 10.62 -4.21 -7.39
C TYR A 110 10.15 -5.26 -8.36
N ARG A 111 9.01 -5.85 -8.06
CA ARG A 111 8.30 -6.73 -8.98
C ARG A 111 6.82 -6.39 -9.05
N GLU A 112 6.26 -6.81 -10.15
CA GLU A 112 4.88 -6.55 -10.47
C GLU A 112 4.17 -7.87 -10.58
N ILE A 113 2.99 -7.96 -10.01
CA ILE A 113 2.21 -9.18 -10.06
C ILE A 113 1.50 -9.19 -11.44
N PRO A 114 1.44 -10.38 -12.09
CA PRO A 114 0.74 -10.50 -13.38
C PRO A 114 -0.65 -9.93 -13.26
N GLU A 115 -1.04 -9.14 -14.27
CA GLU A 115 -2.23 -8.36 -14.22
C GLU A 115 -3.49 -9.21 -14.00
N GLY A 116 -4.20 -8.89 -12.94
CA GLY A 116 -5.46 -9.55 -12.60
C GLY A 116 -5.38 -10.91 -11.95
N ASN A 117 -4.18 -11.35 -11.60
CA ASN A 117 -3.94 -12.74 -11.22
C ASN A 117 -3.97 -12.85 -9.72
N GLU A 118 -5.14 -13.22 -9.19
CA GLU A 118 -5.27 -13.20 -7.71
C GLU A 118 -4.50 -14.29 -6.97
N LYS A 119 -4.25 -15.43 -7.63
CA LYS A 119 -3.43 -16.44 -7.00
C LYS A 119 -2.00 -15.93 -6.90
N ALA A 120 -1.55 -15.29 -7.96
CA ALA A 120 -0.19 -14.74 -7.92
C ALA A 120 -0.03 -13.73 -6.80
N LEU A 121 -0.95 -12.79 -6.71
CA LEU A 121 -1.01 -11.85 -5.55
C LEU A 121 -0.99 -12.54 -4.18
N LYS A 122 -1.79 -13.59 -4.03
CA LYS A 122 -1.78 -14.42 -2.82
C LYS A 122 -0.36 -14.99 -2.52
N ARG A 123 0.26 -15.58 -3.54
CA ARG A 123 1.60 -16.08 -3.42
C ARG A 123 2.68 -15.00 -3.08
N ALA A 124 2.54 -13.81 -3.64
CA ALA A 124 3.45 -12.73 -3.33
C ALA A 124 3.25 -12.28 -1.86
N VAL A 125 2.01 -12.07 -1.46
CA VAL A 125 1.71 -11.76 -0.05
C VAL A 125 2.32 -12.81 0.86
N ALA A 126 2.17 -14.06 0.52
CA ALA A 126 2.73 -15.14 1.41
C ALA A 126 4.27 -15.15 1.51
N ARG A 127 4.94 -14.94 0.38
CA ARG A 127 6.39 -15.13 0.21
C ARG A 127 7.11 -13.85 0.62
N VAL A 128 6.50 -12.71 0.33
CA VAL A 128 7.19 -11.45 0.53
C VAL A 128 6.83 -10.70 1.78
N GLY A 129 5.54 -10.50 1.97
CA GLY A 129 5.01 -9.50 2.87
C GLY A 129 3.90 -8.66 2.24
N PRO A 130 3.59 -7.53 2.86
CA PRO A 130 2.57 -6.63 2.31
C PRO A 130 2.94 -6.16 0.89
N VAL A 131 1.92 -6.07 0.03
CA VAL A 131 2.11 -5.82 -1.36
C VAL A 131 1.19 -4.65 -1.66
N SER A 132 1.73 -3.68 -2.37
CA SER A 132 1.00 -2.49 -2.82
C SER A 132 0.01 -2.85 -3.91
N VAL A 133 -1.21 -2.34 -3.83
CA VAL A 133 -2.30 -2.62 -4.76
C VAL A 133 -3.10 -1.39 -5.05
N ALA A 134 -3.90 -1.45 -6.11
CA ALA A 134 -4.81 -0.36 -6.46
C ALA A 134 -6.22 -0.93 -6.68
N ILE A 135 -7.26 -0.15 -6.33
CA ILE A 135 -8.64 -0.56 -6.43
C ILE A 135 -9.51 0.58 -6.95
N ASP A 136 -10.72 0.19 -7.39
CA ASP A 136 -11.87 1.11 -7.44
C ASP A 136 -12.39 1.31 -6.02
N ALA A 137 -12.19 2.50 -5.44
CA ALA A 137 -12.75 2.87 -4.14
C ALA A 137 -13.81 3.97 -4.27
N SER A 138 -14.47 4.07 -5.43
CA SER A 138 -15.37 5.18 -5.73
C SER A 138 -16.77 4.99 -5.17
N LEU A 139 -17.13 3.74 -4.84
CA LEU A 139 -18.51 3.44 -4.51
C LEU A 139 -18.79 3.93 -3.10
N THR A 140 -19.98 4.46 -2.88
CA THR A 140 -20.33 4.86 -1.50
C THR A 140 -20.34 3.65 -0.59
N SER A 141 -20.61 2.46 -1.13
CA SER A 141 -20.62 1.28 -0.29
C SER A 141 -19.24 0.99 0.31
N PHE A 142 -18.21 1.10 -0.53
CA PHE A 142 -16.80 0.95 -0.11
C PHE A 142 -16.47 1.99 0.97
N GLN A 143 -16.84 3.23 0.71
CA GLN A 143 -16.51 4.32 1.58
C GLN A 143 -17.19 4.25 2.97
N PHE A 144 -18.39 3.70 3.00
CA PHE A 144 -19.13 3.49 4.26
C PHE A 144 -18.84 2.12 4.90
N TYR A 145 -17.87 1.38 4.37
CA TYR A 145 -17.53 0.08 4.88
C TYR A 145 -17.37 0.06 6.39
N SER A 146 -17.96 -0.93 7.06
CA SER A 146 -17.75 -1.08 8.48
C SER A 146 -17.24 -2.49 8.86
N LYS A 147 -17.86 -3.50 8.33
CA LYS A 147 -17.62 -4.87 8.74
C LYS A 147 -17.85 -5.82 7.59
N GLY A 148 -17.31 -7.05 7.71
CA GLY A 148 -17.63 -8.13 6.79
C GLY A 148 -16.64 -8.17 5.63
N VAL A 149 -16.87 -9.06 4.67
CA VAL A 149 -15.99 -9.15 3.51
C VAL A 149 -16.66 -8.31 2.43
N TYR A 150 -16.13 -7.13 2.18
CA TYR A 150 -16.70 -6.24 1.20
C TYR A 150 -16.80 -6.81 -0.18
N TYR A 151 -18.02 -6.83 -0.73
CA TYR A 151 -18.23 -7.13 -2.15
C TYR A 151 -19.35 -6.26 -2.66
N ASP A 152 -19.16 -5.60 -3.80
CA ASP A 152 -20.26 -4.81 -4.44
C ASP A 152 -20.19 -5.14 -5.86
N GLU A 153 -21.30 -5.59 -6.40
CA GLU A 153 -21.39 -5.96 -7.78
C GLU A 153 -21.10 -4.82 -8.73
N SER A 154 -21.34 -3.57 -8.33
CA SER A 154 -21.01 -2.40 -9.16
C SER A 154 -19.56 -1.99 -9.15
N CYS A 155 -18.69 -2.65 -8.38
CA CYS A 155 -17.30 -2.22 -8.36
C CYS A 155 -16.69 -2.48 -9.75
N ASN A 156 -15.98 -1.53 -10.28
CA ASN A 156 -15.39 -1.63 -11.61
C ASN A 156 -13.88 -1.93 -11.58
N SER A 157 -13.48 -3.14 -11.97
CA SER A 157 -12.06 -3.52 -11.94
C SER A 157 -11.21 -2.76 -12.94
N ASP A 158 -11.81 -2.17 -13.97
CA ASP A 158 -11.09 -1.39 -14.94
C ASP A 158 -11.07 0.08 -14.58
N ASN A 159 -11.62 0.48 -13.43
CA ASN A 159 -11.57 1.85 -13.04
C ASN A 159 -10.77 2.02 -11.75
N LEU A 160 -9.47 1.72 -11.77
CA LEU A 160 -8.66 1.91 -10.58
C LEU A 160 -8.55 3.40 -10.25
N ASN A 161 -8.68 3.74 -8.97
CA ASN A 161 -8.62 5.14 -8.55
C ASN A 161 -8.00 5.38 -7.18
N HIS A 162 -7.64 4.31 -6.47
CA HIS A 162 -7.15 4.41 -5.11
C HIS A 162 -6.11 3.35 -4.80
N ALA A 163 -4.98 3.79 -4.26
CA ALA A 163 -3.87 2.90 -3.95
C ALA A 163 -3.95 2.56 -2.45
N VAL A 164 -3.84 1.27 -2.13
CA VAL A 164 -3.94 0.79 -0.77
C VAL A 164 -2.85 -0.33 -0.57
N LEU A 165 -2.89 -1.06 0.56
CA LEU A 165 -1.90 -2.06 0.89
C LEU A 165 -2.48 -3.34 1.32
N ALA A 166 -2.13 -4.43 0.61
CA ALA A 166 -2.58 -5.74 1.02
C ALA A 166 -1.64 -6.24 2.11
N VAL A 167 -2.14 -6.36 3.33
CA VAL A 167 -1.24 -6.84 4.43
C VAL A 167 -1.51 -8.27 4.85
N GLY A 168 -2.48 -8.91 4.20
CA GLY A 168 -2.68 -10.34 4.39
C GLY A 168 -3.84 -10.84 3.57
N TYR A 169 -4.31 -12.03 3.89
CA TYR A 169 -5.48 -12.62 3.19
C TYR A 169 -6.03 -13.77 4.06
N GLY A 170 -7.22 -14.26 3.73
CA GLY A 170 -7.80 -15.32 4.52
C GLY A 170 -9.22 -15.55 4.14
N ILE A 171 -10.05 -15.69 5.16
CA ILE A 171 -11.43 -16.06 5.01
C ILE A 171 -12.22 -15.62 6.24
N GLN A 172 -13.48 -15.22 6.06
CA GLN A 172 -14.40 -14.94 7.18
C GLN A 172 -15.78 -15.38 6.82
N LYS A 173 -16.43 -16.19 7.67
CA LYS A 173 -17.77 -16.71 7.35
C LYS A 173 -17.82 -17.34 5.97
N GLY A 174 -16.75 -18.06 5.61
CA GLY A 174 -16.62 -18.78 4.33
C GLY A 174 -16.29 -17.91 3.12
N ASN A 175 -16.21 -16.58 3.36
CA ASN A 175 -15.95 -15.58 2.31
C ASN A 175 -14.46 -15.28 2.23
N LYS A 176 -13.81 -15.74 1.17
CA LYS A 176 -12.37 -15.49 1.02
C LYS A 176 -12.16 -13.96 0.96
N HIS A 177 -11.12 -13.49 1.64
CA HIS A 177 -10.78 -12.10 1.64
C HIS A 177 -9.25 -11.74 1.46
N TRP A 178 -9.04 -10.48 1.11
CA TRP A 178 -7.83 -9.72 1.28
C TRP A 178 -7.97 -8.76 2.51
N ILE A 179 -6.91 -8.63 3.32
CA ILE A 179 -6.79 -7.65 4.39
C ILE A 179 -6.05 -6.40 3.88
N ILE A 180 -6.77 -5.26 3.88
CA ILE A 180 -6.32 -4.09 3.18
C ILE A 180 -6.22 -2.95 4.17
N LYS A 181 -5.02 -2.33 4.16
CA LYS A 181 -4.77 -1.16 4.90
C LYS A 181 -5.06 0.03 4.01
N ASN A 182 -5.95 0.89 4.47
CA ASN A 182 -6.20 2.17 3.81
C ASN A 182 -5.34 3.29 4.44
N SER A 183 -5.43 4.50 3.87
CA SER A 183 -4.72 5.71 4.34
C SER A 183 -5.76 6.82 4.47
N TRP A 184 -6.91 6.43 5.08
CA TRP A 184 -8.00 7.38 5.31
C TRP A 184 -8.21 7.59 6.83
N GLY A 185 -7.20 7.19 7.64
CA GLY A 185 -7.21 7.40 9.05
C GLY A 185 -7.78 6.19 9.72
N GLU A 186 -7.54 6.09 11.02
CA GLU A 186 -8.22 5.07 11.87
C GLU A 186 -9.72 5.19 12.03
N ASN A 187 -10.26 6.40 11.90
CA ASN A 187 -11.70 6.65 11.93
C ASN A 187 -12.45 5.99 10.76
N TRP A 188 -11.76 5.63 9.69
CA TRP A 188 -12.43 5.08 8.51
C TRP A 188 -12.47 3.58 8.60
N GLY A 189 -13.53 2.99 8.06
CA GLY A 189 -13.62 1.52 7.98
C GLY A 189 -13.54 0.79 9.29
N ASN A 190 -12.82 -0.34 9.33
CA ASN A 190 -12.56 -1.03 10.60
C ASN A 190 -11.18 -0.65 11.13
N LYS A 191 -11.15 0.38 11.97
CA LYS A 191 -9.91 0.86 12.50
C LYS A 191 -8.88 1.15 11.38
N GLY A 192 -9.39 1.62 10.23
CA GLY A 192 -8.59 1.98 9.07
C GLY A 192 -8.43 0.87 8.03
N TYR A 193 -8.93 -0.33 8.33
CA TYR A 193 -8.83 -1.50 7.45
C TYR A 193 -10.16 -1.87 6.81
N ILE A 194 -10.04 -2.61 5.73
CA ILE A 194 -11.21 -3.23 5.07
C ILE A 194 -10.86 -4.65 4.66
N LEU A 195 -11.74 -5.60 4.91
CA LEU A 195 -11.64 -6.92 4.24
C LEU A 195 -12.38 -6.89 2.90
N MET A 196 -11.69 -7.20 1.80
CA MET A 196 -12.27 -7.15 0.46
C MET A 196 -12.29 -8.55 -0.15
N ALA A 197 -13.39 -8.86 -0.85
CA ALA A 197 -13.54 -10.16 -1.46
C ALA A 197 -12.35 -10.61 -2.30
N ARG A 198 -11.99 -11.87 -2.13
CA ARG A 198 -10.88 -12.49 -2.82
C ARG A 198 -11.44 -13.65 -3.63
N ASN A 199 -10.87 -13.82 -4.81
CA ASN A 199 -11.30 -14.81 -5.77
C ASN A 199 -12.72 -14.59 -6.30
N LYS A 200 -13.20 -13.35 -6.28
CA LYS A 200 -14.54 -13.02 -6.84
C LYS A 200 -14.40 -12.20 -8.09
N ASN A 201 -13.78 -12.78 -9.14
CA ASN A 201 -13.56 -12.05 -10.44
C ASN A 201 -12.78 -10.75 -10.22
N ASN A 202 -11.75 -10.83 -9.39
CA ASN A 202 -10.82 -9.72 -9.23
C ASN A 202 -11.55 -8.46 -8.80
N ALA A 203 -12.38 -8.63 -7.77
CA ALA A 203 -13.32 -7.57 -7.32
C ALA A 203 -12.56 -6.27 -7.01
N CYS A 204 -13.10 -5.19 -7.59
CA CYS A 204 -12.57 -3.86 -7.46
C CYS A 204 -11.21 -3.70 -8.13
N GLY A 205 -10.79 -4.68 -8.91
CA GLY A 205 -9.53 -4.59 -9.59
C GLY A 205 -8.31 -4.84 -8.69
N ILE A 206 -8.55 -5.48 -7.55
CA ILE A 206 -7.51 -5.73 -6.50
C ILE A 206 -6.16 -6.24 -7.00
N ALA A 207 -6.14 -7.15 -8.03
CA ALA A 207 -4.90 -7.65 -8.54
C ALA A 207 -4.48 -7.06 -9.87
N ASN A 208 -5.09 -5.93 -10.25
CA ASN A 208 -4.79 -5.33 -11.57
C ASN A 208 -3.51 -4.48 -11.64
N LEU A 209 -3.10 -3.94 -10.48
CA LEU A 209 -1.92 -3.07 -10.40
C LEU A 209 -1.20 -3.26 -9.08
N ALA A 210 -0.72 -4.47 -8.89
CA ALA A 210 0.00 -4.87 -7.68
C ALA A 210 1.50 -5.02 -7.89
N SER A 211 2.25 -4.57 -6.89
CA SER A 211 3.68 -4.63 -6.85
C SER A 211 4.23 -4.59 -5.41
N PHE A 212 5.46 -5.04 -5.29
CA PHE A 212 6.21 -4.94 -4.06
C PHE A 212 7.66 -4.59 -4.32
N PRO A 213 8.29 -3.94 -3.30
CA PRO A 213 9.69 -3.59 -3.32
C PRO A 213 10.56 -4.76 -2.83
N LYS A 214 11.80 -4.73 -3.28
CA LYS A 214 12.84 -5.64 -2.77
C LYS A 214 13.73 -4.84 -1.89
N MET A 215 14.28 -5.47 -0.88
CA MET A 215 15.30 -4.85 -0.01
CA MET A 215 15.30 -4.85 -0.03
C MET A 215 16.51 -5.75 0.15
C1 3Y1 B . -5.22 10.16 -6.86
C2 3Y1 B . -5.22 8.78 -6.43
C4 3Y1 B . -3.80 7.55 -8.01
C6 3Y1 B . -3.69 6.38 -9.00
C8 3Y1 B . -2.90 3.92 -8.95
C9 3Y1 B . -4.22 3.49 -9.58
C10 3Y1 B . -4.84 4.60 -10.43
C11 3Y1 B . -5.04 5.85 -9.55
C13 3Y1 B . -3.09 7.85 -10.91
C15 3Y1 B . -1.87 8.32 -11.64
C16 3Y1 B . -1.68 9.66 -11.93
C20 3Y1 B . -0.81 7.40 -11.88
N1 3Y1 B . -5.17 11.25 -7.21
N3 3Y1 B . -5.01 7.82 -7.48
O5 3Y1 B . -2.81 8.20 -7.65
C7 3Y1 B . -3.05 5.25 -8.19
N12 3Y1 B . -2.86 6.75 -10.15
O14 3Y1 B . -4.12 8.58 -10.77
C17 3Y1 B . -0.48 10.09 -12.46
C18 3Y1 B . 0.55 9.18 -12.68
C19 3Y1 B . 0.41 7.83 -12.41
N21 3Y1 B . -2.67 10.71 -11.74
BR2 3Y1 B . 2.17 9.90 -13.35
S SO4 C . -17.91 9.35 12.45
O1 SO4 C . -17.01 9.72 11.31
O2 SO4 C . -19.30 9.15 11.97
O3 SO4 C . -17.34 8.17 13.16
O4 SO4 C . -17.86 10.49 13.33
S SO4 D . -7.34 9.43 12.28
O1 SO4 D . -6.90 10.49 11.31
O2 SO4 D . -8.68 9.02 11.80
O3 SO4 D . -6.40 8.22 12.33
O4 SO4 D . -7.43 9.98 13.64
S SO4 E . -7.29 -20.58 -2.49
O1 SO4 E . -8.19 -20.88 -3.66
O2 SO4 E . -8.04 -20.05 -1.36
O3 SO4 E . -6.57 -21.77 -2.03
O4 SO4 E . -6.39 -19.52 -2.84
S SO4 F . -1.41 -21.82 -3.73
O1 SO4 F . -1.83 -22.85 -4.67
O2 SO4 F . -1.96 -20.54 -4.20
O3 SO4 F . -1.97 -22.10 -2.42
O4 SO4 F . 0.05 -21.72 -3.57
S SO4 G . 8.91 -8.27 -12.76
O1 SO4 G . 9.30 -8.25 -14.20
O2 SO4 G . 7.81 -7.28 -12.63
O3 SO4 G . 8.53 -9.66 -12.32
O4 SO4 G . 10.05 -7.89 -11.91
#